data_5LSX
#
_entry.id   5LSX
#
_cell.length_a   49.244
_cell.length_b   77.305
_cell.length_c   78.843
_cell.angle_alpha   90.00
_cell.angle_beta   90.00
_cell.angle_gamma   90.00
#
_symmetry.space_group_name_H-M   'P 21 21 21'
#
loop_
_entity.id
_entity.type
_entity.pdbx_description
1 polymer 'Histone-lysine N-methyltransferase SETD2'
2 non-polymer 'ZINC ION'
3 non-polymer [(2~{R},5~{S})-1-[(2~{R},3~{S},4~{R},5~{R})-5-(6-aminopurin-9-yl)-3,4-bis(oxidanyl)oxolan-2-yl]-5-azaniumyl-6-oxidanyl-6-oxidanylidene-hexan-2-yl]-(phenylmethyl)azanium
4 water water
#
_entity_poly.entity_id   1
_entity_poly.type   'polypeptide(L)'
_entity_poly.pdbx_seq_one_letter_code
;MHHHHHHSSGRENLYFQGETSVPPGSALVGPSCVMDDFRDPQRWKECAKQGKMPCYFDLIEENVYLTERKKNKSHRDIKR
MQCECTPLSKDERAQGEIACGEDCLNRLLMIECSSRCPNGDYCSNRRFQRKQHADVEVILTEKKGWGLRAAKDLPSNTFV
LEYCGEVLDHKEFKARVKEYARNKNIHYYFMALKNDEIIDATQKGNCSRFMNHSCEPNCETQKWTVNGQLRVGFFTTKLV
PSGSELTFDYQFQRYGKEAQKCFCGSANCRGYLGGENRVSIRAAGGKMKKERSRK
;
_entity_poly.pdbx_strand_id   A
#
loop_
_chem_comp.id
_chem_comp.type
_chem_comp.name
_chem_comp.formula
76O non-polymer [(2~{R},5~{S})-1-[(2~{R},3~{S},4~{R},5~{R})-5-(6-aminopurin-9-yl)-3,4-bis(oxidanyl)oxolan-2-yl]-5-azaniumyl-6-oxidanyl-6-oxidanylidene-hexan-2-yl]-(phenylmethyl)azanium 'C22 H31 N7 O5 2'
ZN non-polymer 'ZINC ION' 'Zn 2'
#
# COMPACT_ATOMS: atom_id res chain seq x y z
N GLY A 30 -3.39 -19.36 10.30
CA GLY A 30 -2.68 -19.89 11.51
C GLY A 30 -1.49 -19.05 11.96
N PRO A 31 -0.46 -18.91 11.08
CA PRO A 31 0.69 -18.06 11.40
C PRO A 31 0.49 -16.63 10.86
N SER A 32 0.39 -15.69 11.80
CA SER A 32 0.32 -14.27 11.49
C SER A 32 1.45 -13.56 12.22
N CYS A 33 1.65 -12.30 11.85
CA CYS A 33 2.50 -11.39 12.63
C CYS A 33 1.92 -9.99 12.43
N VAL A 34 2.43 -9.03 13.19
CA VAL A 34 1.95 -7.63 13.12
C VAL A 34 3.01 -6.76 12.45
N MET A 35 2.66 -5.51 12.15
CA MET A 35 3.56 -4.61 11.42
C MET A 35 4.94 -4.51 12.07
N ASP A 36 4.95 -4.38 13.38
CA ASP A 36 6.18 -4.16 14.14
C ASP A 36 7.11 -5.38 14.25
N ASP A 37 6.64 -6.58 13.89
CA ASP A 37 7.52 -7.76 13.84
C ASP A 37 8.71 -7.61 12.87
N PHE A 38 8.55 -6.73 11.88
CA PHE A 38 9.50 -6.57 10.77
C PHE A 38 10.65 -5.60 11.01
N ARG A 39 10.64 -4.94 12.17
CA ARG A 39 11.65 -3.93 12.48
C ARG A 39 12.86 -4.51 13.21
N ASP A 40 12.81 -5.80 13.56
CA ASP A 40 13.95 -6.55 14.08
C ASP A 40 14.35 -7.57 13.00
N PRO A 41 15.43 -7.29 12.22
CA PRO A 41 15.95 -8.30 11.28
C PRO A 41 16.43 -9.62 11.93
N GLN A 42 17.13 -9.53 13.07
CA GLN A 42 17.54 -10.73 13.81
C GLN A 42 16.34 -11.64 14.12
N ARG A 43 15.39 -11.12 14.90
CA ARG A 43 14.15 -11.84 15.30
C ARG A 43 13.34 -12.38 14.10
N TRP A 44 13.30 -11.60 13.02
CA TRP A 44 12.51 -11.89 11.82
C TRP A 44 13.12 -13.07 11.06
N LYS A 45 14.39 -12.93 10.69
CA LYS A 45 15.12 -14.03 10.02
C LYS A 45 15.09 -15.34 10.84
N GLU A 46 15.02 -15.21 12.16
CA GLU A 46 14.66 -16.32 13.06
C GLU A 46 13.26 -16.91 12.73
N CYS A 47 12.22 -16.09 12.79
CA CYS A 47 10.87 -16.54 12.43
C CYS A 47 10.74 -16.99 10.95
N ALA A 48 11.59 -16.43 10.07
CA ALA A 48 11.68 -16.85 8.66
C ALA A 48 12.07 -18.31 8.52
N LYS A 49 13.06 -18.73 9.30
CA LYS A 49 13.55 -20.13 9.29
C LYS A 49 12.60 -21.18 9.87
N GLN A 50 11.58 -20.77 10.63
CA GLN A 50 10.50 -21.69 11.06
C GLN A 50 9.11 -21.32 10.49
N GLY A 51 9.13 -20.62 9.35
CA GLY A 51 7.93 -20.27 8.61
C GLY A 51 6.80 -19.65 9.41
N LYS A 52 7.14 -18.76 10.34
CA LYS A 52 6.13 -17.94 11.03
C LYS A 52 6.24 -16.46 10.66
N MET A 53 7.10 -16.15 9.68
CA MET A 53 7.20 -14.82 9.02
C MET A 53 7.74 -14.98 7.58
N PRO A 54 7.26 -14.15 6.61
CA PRO A 54 7.73 -14.10 5.22
C PRO A 54 9.23 -14.05 5.00
N CYS A 55 9.64 -14.36 3.78
CA CYS A 55 11.04 -14.30 3.36
C CYS A 55 11.56 -12.89 3.57
N TYR A 56 12.80 -12.77 4.02
CA TYR A 56 13.38 -11.47 4.37
C TYR A 56 13.39 -10.50 3.19
N PHE A 57 13.24 -9.21 3.51
CA PHE A 57 13.44 -8.11 2.57
C PHE A 57 13.79 -6.80 3.29
N ASP A 58 14.19 -5.79 2.55
CA ASP A 58 14.58 -4.51 3.12
C ASP A 58 13.36 -3.65 3.41
N LEU A 59 13.04 -3.46 4.70
CA LEU A 59 11.92 -2.61 5.13
C LEU A 59 12.23 -1.11 4.92
N ILE A 60 11.35 -0.39 4.21
CA ILE A 60 11.51 1.05 3.97
C ILE A 60 10.21 1.83 4.21
N GLU A 61 10.37 3.06 4.68
CA GLU A 61 9.24 3.95 4.99
C GLU A 61 8.95 4.83 3.76
N GLU A 62 10.01 5.22 3.05
CA GLU A 62 9.98 6.08 1.85
C GLU A 62 10.60 5.34 0.64
N ASN A 63 10.45 5.91 -0.55
CA ASN A 63 10.85 5.22 -1.78
C ASN A 63 12.29 5.51 -2.22
N VAL A 64 12.96 4.49 -2.74
CA VAL A 64 14.30 4.59 -3.30
C VAL A 64 14.19 4.90 -4.79
N TYR A 65 15.19 5.60 -5.32
CA TYR A 65 15.13 6.22 -6.64
C TYR A 65 16.44 6.00 -7.41
N LEU A 66 16.64 6.81 -8.46
CA LEU A 66 17.96 7.24 -8.98
C LEU A 66 17.88 8.70 -9.50
N THR A 67 17.73 9.67 -8.58
CA THR A 67 17.47 11.13 -8.84
C THR A 67 15.96 11.45 -8.94
N GLU A 68 15.58 12.69 -8.61
CA GLU A 68 14.20 13.16 -8.78
C GLU A 68 14.10 14.69 -8.79
N MET A 81 0.50 26.75 -4.21
CA MET A 81 0.70 25.36 -3.77
C MET A 81 0.41 25.19 -2.26
N GLN A 82 -0.72 25.74 -1.80
CA GLN A 82 -1.18 25.66 -0.39
C GLN A 82 -2.69 25.41 -0.26
N CYS A 83 -3.09 24.62 0.75
CA CYS A 83 -4.50 24.31 1.06
C CYS A 83 -5.34 25.57 1.11
N GLU A 84 -6.68 25.44 1.06
CA GLU A 84 -7.57 26.61 1.19
C GLU A 84 -8.75 26.51 2.21
N CYS A 85 -8.83 25.44 3.02
CA CYS A 85 -9.87 25.33 4.07
C CYS A 85 -9.77 26.46 5.11
N THR A 86 -10.91 26.88 5.66
CA THR A 86 -10.93 27.85 6.77
C THR A 86 -10.60 27.08 8.05
N PRO A 87 -9.78 27.66 8.96
CA PRO A 87 -9.46 26.94 10.20
C PRO A 87 -10.67 26.52 11.03
N LEU A 88 -10.55 25.41 11.75
CA LEU A 88 -11.52 25.06 12.78
C LEU A 88 -11.09 25.72 14.10
N SER A 89 -12.05 25.94 14.98
CA SER A 89 -11.76 26.43 16.33
C SER A 89 -11.29 25.27 17.21
N LYS A 90 -10.94 25.59 18.45
CA LYS A 90 -10.78 24.58 19.49
C LYS A 90 -12.15 24.00 19.86
N ASP A 91 -13.17 24.85 19.82
CA ASP A 91 -14.56 24.43 20.07
C ASP A 91 -14.94 23.32 19.08
N GLU A 92 -14.53 23.48 17.82
CA GLU A 92 -14.79 22.49 16.75
C GLU A 92 -13.82 21.31 16.72
N ARG A 93 -12.60 21.50 17.22
CA ARG A 93 -11.66 20.38 17.46
C ARG A 93 -12.21 19.47 18.58
N ALA A 94 -12.90 20.07 19.56
CA ALA A 94 -13.42 19.35 20.73
C ALA A 94 -14.41 18.22 20.41
N GLN A 95 -15.29 18.42 19.44
CA GLN A 95 -16.26 17.36 19.04
C GLN A 95 -15.74 16.48 17.89
N GLY A 96 -14.47 16.62 17.52
CA GLY A 96 -13.85 15.74 16.54
C GLY A 96 -14.27 15.92 15.08
N GLU A 97 -14.83 17.08 14.74
CA GLU A 97 -15.21 17.38 13.34
C GLU A 97 -13.96 17.57 12.47
N ILE A 98 -13.98 17.00 11.27
CA ILE A 98 -12.75 16.75 10.47
C ILE A 98 -12.10 18.02 9.92
N ALA A 99 -10.78 18.14 10.12
CA ALA A 99 -10.01 19.26 9.60
C ALA A 99 -9.50 18.88 8.23
N CYS A 100 -9.67 19.78 7.27
CA CYS A 100 -9.48 19.45 5.84
C CYS A 100 -10.18 18.14 5.46
N GLY A 101 -11.48 18.10 5.72
CA GLY A 101 -12.33 16.96 5.37
C GLY A 101 -12.64 16.98 3.88
N GLU A 102 -13.82 16.50 3.53
CA GLU A 102 -14.14 16.22 2.12
C GLU A 102 -14.30 17.43 1.20
N ASP A 103 -14.36 18.64 1.75
CA ASP A 103 -14.54 19.85 0.93
C ASP A 103 -13.23 20.55 0.54
N CYS A 104 -12.07 19.90 0.74
CA CYS A 104 -10.75 20.55 0.72
C CYS A 104 -10.09 20.49 -0.65
N LEU A 105 -9.71 21.64 -1.21
CA LEU A 105 -9.14 21.71 -2.57
C LEU A 105 -7.96 20.77 -2.80
N ASN A 106 -7.08 20.71 -1.82
CA ASN A 106 -6.00 19.71 -1.78
C ASN A 106 -6.48 18.27 -1.84
N ARG A 107 -7.35 17.89 -0.90
CA ARG A 107 -7.83 16.50 -0.78
C ARG A 107 -8.44 16.05 -2.10
N LEU A 108 -9.20 16.95 -2.72
CA LEU A 108 -9.93 16.64 -3.94
C LEU A 108 -9.04 16.55 -5.19
N LEU A 109 -7.91 17.27 -5.20
CA LEU A 109 -6.89 17.05 -6.26
C LEU A 109 -5.93 15.87 -6.02
N MET A 110 -6.15 15.12 -4.94
CA MET A 110 -5.25 14.06 -4.49
C MET A 110 -3.84 14.62 -4.23
N ILE A 111 -3.82 15.73 -3.50
CA ILE A 111 -2.60 16.38 -3.05
C ILE A 111 -2.71 16.55 -1.55
N GLU A 112 -1.73 16.05 -0.79
CA GLU A 112 -1.70 16.18 0.66
C GLU A 112 -1.15 17.53 1.09
N CYS A 113 -1.80 18.10 2.12
CA CYS A 113 -1.33 19.31 2.79
C CYS A 113 0.12 19.17 3.22
N SER A 114 0.77 20.31 3.45
CA SER A 114 2.05 20.35 4.08
C SER A 114 1.87 20.94 5.50
N SER A 115 2.98 20.96 6.25
CA SER A 115 3.06 21.59 7.58
C SER A 115 2.36 22.95 7.67
N ARG A 116 2.50 23.79 6.65
CA ARG A 116 1.98 25.17 6.73
C ARG A 116 0.57 25.29 6.17
N CYS A 117 -0.32 24.48 6.70
CA CYS A 117 -1.72 24.38 6.28
C CYS A 117 -2.56 25.14 7.30
N PRO A 118 -3.72 25.69 6.89
CA PRO A 118 -4.65 26.32 7.86
C PRO A 118 -5.22 25.50 9.04
N ASN A 119 -4.91 24.21 9.15
CA ASN A 119 -5.22 23.43 10.37
C ASN A 119 -4.00 22.77 11.06
N GLY A 120 -2.81 22.95 10.48
CA GLY A 120 -1.52 22.53 11.07
C GLY A 120 -1.37 21.09 11.52
N ASP A 121 -1.57 20.89 12.82
CA ASP A 121 -1.53 19.57 13.43
C ASP A 121 -2.87 18.88 13.33
N TYR A 122 -3.94 19.65 13.52
CA TYR A 122 -5.31 19.15 13.36
C TYR A 122 -5.61 18.66 11.92
N CYS A 123 -4.84 19.09 10.94
CA CYS A 123 -5.08 18.67 9.54
C CYS A 123 -5.01 17.17 9.33
N SER A 124 -6.10 16.64 8.75
CA SER A 124 -6.34 15.20 8.57
C SER A 124 -6.03 14.71 7.17
N ASN A 125 -5.62 15.62 6.28
CA ASN A 125 -5.17 15.27 4.95
C ASN A 125 -3.62 15.27 4.81
N ARG A 126 -2.95 14.59 5.73
CA ARG A 126 -1.50 14.36 5.62
C ARG A 126 -1.21 12.89 5.93
N ARG A 127 -2.13 12.02 5.53
CA ARG A 127 -2.15 10.63 5.98
C ARG A 127 -0.87 9.88 5.61
N PHE A 128 -0.37 10.14 4.42
CA PHE A 128 0.88 9.53 3.96
C PHE A 128 2.05 9.92 4.82
N GLN A 129 2.14 11.20 5.16
CA GLN A 129 3.34 11.76 5.78
C GLN A 129 3.41 11.37 7.22
N ARG A 130 2.24 11.38 7.86
CA ARG A 130 2.08 10.93 9.24
C ARG A 130 1.99 9.42 9.40
N LYS A 131 2.17 8.69 8.30
CA LYS A 131 2.10 7.23 8.32
C LYS A 131 0.86 6.71 9.04
N GLN A 132 -0.29 7.34 8.78
CA GLN A 132 -1.55 6.98 9.46
C GLN A 132 -2.14 5.71 8.86
N HIS A 133 -1.37 4.62 8.97
CA HIS A 133 -1.76 3.33 8.36
CA HIS A 133 -1.75 3.34 8.37
C HIS A 133 -2.82 2.65 9.22
N ALA A 134 -3.65 1.84 8.58
CA ALA A 134 -4.68 1.08 9.30
C ALA A 134 -4.03 -0.12 9.96
N ASP A 135 -4.76 -0.77 10.87
CA ASP A 135 -4.20 -1.93 11.58
C ASP A 135 -4.33 -3.18 10.72
N VAL A 136 -3.17 -3.79 10.44
CA VAL A 136 -3.06 -4.90 9.52
C VAL A 136 -2.02 -5.87 10.02
N GLU A 137 -2.32 -7.15 9.86
CA GLU A 137 -1.42 -8.24 10.16
C GLU A 137 -1.14 -8.90 8.82
N VAL A 138 0.10 -9.38 8.66
CA VAL A 138 0.45 -10.24 7.56
C VAL A 138 0.05 -11.68 7.97
N ILE A 139 -0.62 -12.39 7.07
CA ILE A 139 -1.14 -13.73 7.33
C ILE A 139 -0.63 -14.72 6.28
N LEU A 140 -0.82 -16.01 6.51
CA LEU A 140 -0.44 -17.02 5.53
C LEU A 140 -1.67 -17.64 4.85
N THR A 141 -1.67 -17.55 3.53
CA THR A 141 -2.84 -17.92 2.74
C THR A 141 -2.65 -19.32 2.21
N GLU A 142 -3.76 -19.95 1.84
CA GLU A 142 -3.71 -21.36 1.45
C GLU A 142 -2.82 -21.60 0.22
N LYS A 143 -2.87 -20.71 -0.77
CA LYS A 143 -2.17 -20.88 -2.06
C LYS A 143 -1.45 -19.67 -2.66
N LYS A 144 -1.57 -18.50 -2.03
CA LYS A 144 -1.15 -17.22 -2.63
C LYS A 144 0.18 -16.70 -2.07
N GLY A 145 0.76 -17.45 -1.13
CA GLY A 145 1.85 -16.95 -0.30
C GLY A 145 1.24 -16.22 0.87
N TRP A 146 1.94 -15.18 1.35
CA TRP A 146 1.43 -14.39 2.46
C TRP A 146 0.50 -13.26 1.96
N GLY A 147 -0.42 -12.84 2.82
CA GLY A 147 -1.48 -11.89 2.49
C GLY A 147 -1.60 -10.85 3.59
N LEU A 148 -2.64 -10.02 3.52
CA LEU A 148 -2.90 -8.97 4.51
C LEU A 148 -4.34 -8.99 4.94
N ARG A 149 -4.59 -9.08 6.24
CA ARG A 149 -5.95 -9.02 6.76
C ARG A 149 -6.14 -7.84 7.68
N ALA A 150 -7.37 -7.33 7.68
CA ALA A 150 -7.77 -6.27 8.58
C ALA A 150 -7.82 -6.79 10.01
N ALA A 151 -7.09 -6.14 10.91
CA ALA A 151 -7.12 -6.46 12.35
C ALA A 151 -8.30 -5.80 13.08
N LYS A 152 -8.90 -4.78 12.46
CA LYS A 152 -10.12 -4.12 12.95
C LYS A 152 -11.06 -3.86 11.76
N ASP A 153 -12.29 -3.41 12.03
CA ASP A 153 -13.20 -2.94 10.97
C ASP A 153 -12.63 -1.66 10.34
N LEU A 154 -12.61 -1.64 9.02
CA LEU A 154 -12.08 -0.51 8.26
C LEU A 154 -13.22 0.09 7.46
N PRO A 155 -13.54 1.38 7.70
CA PRO A 155 -14.60 1.98 6.90
C PRO A 155 -14.19 2.17 5.43
N SER A 156 -15.16 2.56 4.60
CA SER A 156 -14.91 2.81 3.18
C SER A 156 -14.06 4.07 3.01
N ASN A 157 -13.40 4.19 1.85
CA ASN A 157 -12.32 5.17 1.63
C ASN A 157 -11.41 5.39 2.84
N THR A 158 -10.71 4.31 3.20
CA THR A 158 -9.74 4.32 4.30
C THR A 158 -8.34 3.98 3.80
N PHE A 159 -7.40 4.88 4.07
CA PHE A 159 -5.99 4.66 3.81
C PHE A 159 -5.58 3.38 4.56
N VAL A 160 -5.06 2.42 3.79
CA VAL A 160 -4.55 1.16 4.31
C VAL A 160 -3.03 1.30 4.54
N LEU A 161 -2.33 1.56 3.46
CA LEU A 161 -0.87 1.62 3.47
C LEU A 161 -0.33 2.29 2.20
N GLU A 162 0.91 2.75 2.27
CA GLU A 162 1.63 3.15 1.09
C GLU A 162 2.28 1.94 0.48
N TYR A 163 2.19 1.79 -0.85
CA TYR A 163 3.07 0.85 -1.57
C TYR A 163 4.36 1.59 -1.80
N CYS A 164 5.40 1.18 -1.07
CA CYS A 164 6.74 1.69 -1.22
C CYS A 164 7.67 0.65 -1.89
N GLY A 165 8.72 1.16 -2.53
CA GLY A 165 9.74 0.31 -3.16
C GLY A 165 10.76 1.11 -3.96
N GLU A 166 11.50 0.45 -4.85
CA GLU A 166 12.49 1.11 -5.73
C GLU A 166 11.81 1.62 -6.99
N VAL A 167 12.11 2.86 -7.38
CA VAL A 167 11.46 3.47 -8.55
C VAL A 167 12.31 3.39 -9.80
N LEU A 168 11.84 2.63 -10.79
CA LEU A 168 12.64 2.31 -12.00
C LEU A 168 12.06 2.96 -13.26
N ASP A 169 12.92 3.30 -14.21
CA ASP A 169 12.49 3.72 -15.55
C ASP A 169 12.24 2.48 -16.41
N HIS A 170 11.39 2.60 -17.43
CA HIS A 170 10.88 1.42 -18.13
C HIS A 170 11.96 0.57 -18.83
N LYS A 171 13.19 1.08 -18.93
CA LYS A 171 14.37 0.25 -19.24
C LYS A 171 14.81 -0.69 -18.08
N GLU A 172 15.22 -0.12 -16.95
CA GLU A 172 15.55 -0.90 -15.74
C GLU A 172 14.51 -2.01 -15.44
N PHE A 173 13.28 -1.58 -15.25
CA PHE A 173 12.12 -2.45 -15.01
C PHE A 173 12.10 -3.68 -15.94
N LYS A 174 12.35 -3.49 -17.23
CA LYS A 174 12.31 -4.63 -18.19
C LYS A 174 13.47 -5.59 -18.00
N ALA A 175 14.68 -5.03 -17.85
CA ALA A 175 15.85 -5.83 -17.50
C ALA A 175 15.52 -6.68 -16.28
N ARG A 176 14.99 -6.02 -15.25
CA ARG A 176 14.53 -6.68 -14.03
C ARG A 176 13.48 -7.79 -14.26
N VAL A 177 12.52 -7.58 -15.14
CA VAL A 177 11.50 -8.61 -15.41
C VAL A 177 12.18 -9.91 -15.86
N LYS A 178 13.13 -9.78 -16.79
CA LYS A 178 13.84 -10.95 -17.33
C LYS A 178 14.81 -11.55 -16.30
N GLU A 179 15.51 -10.69 -15.57
CA GLU A 179 16.31 -11.08 -14.41
C GLU A 179 15.49 -11.96 -13.46
N TYR A 180 14.28 -11.52 -13.13
CA TYR A 180 13.41 -12.29 -12.23
C TYR A 180 12.85 -13.56 -12.86
N ALA A 181 12.55 -13.52 -14.15
CA ALA A 181 12.07 -14.70 -14.88
C ALA A 181 13.19 -15.74 -14.98
N ARG A 182 14.41 -15.27 -15.21
CA ARG A 182 15.61 -16.14 -15.20
C ARG A 182 15.88 -16.71 -13.80
N ASN A 183 15.61 -15.93 -12.75
CA ASN A 183 15.63 -16.41 -11.35
C ASN A 183 14.48 -17.34 -10.97
N LYS A 184 13.42 -17.35 -11.78
CA LYS A 184 12.21 -18.14 -11.54
C LYS A 184 11.51 -17.75 -10.24
N ASN A 185 11.50 -16.43 -9.98
CA ASN A 185 10.76 -15.86 -8.89
C ASN A 185 9.27 -16.07 -9.13
N ILE A 186 8.63 -16.76 -8.16
CA ILE A 186 7.21 -17.02 -8.24
C ILE A 186 6.49 -15.68 -8.23
N HIS A 187 6.73 -14.86 -7.20
CA HIS A 187 5.93 -13.65 -6.98
C HIS A 187 6.50 -12.46 -7.71
N TYR A 188 5.62 -11.48 -7.96
CA TYR A 188 5.95 -10.26 -8.70
C TYR A 188 5.41 -9.01 -7.99
N TYR A 189 6.31 -8.06 -7.76
CA TYR A 189 6.05 -6.92 -6.92
C TYR A 189 6.21 -5.64 -7.73
N PHE A 190 5.52 -5.57 -8.87
CA PHE A 190 5.68 -4.43 -9.78
C PHE A 190 4.46 -3.57 -9.80
N MET A 191 4.66 -2.26 -9.98
CA MET A 191 3.54 -1.34 -10.25
C MET A 191 3.89 0.00 -10.86
N ALA A 192 3.18 0.38 -11.92
CA ALA A 192 3.33 1.69 -12.57
C ALA A 192 2.86 2.84 -11.70
N LEU A 193 3.66 3.91 -11.68
CA LEU A 193 3.41 5.12 -10.87
C LEU A 193 3.06 6.29 -11.79
N LYS A 194 3.98 6.62 -12.70
CA LYS A 194 3.74 7.57 -13.76
C LYS A 194 4.50 7.06 -15.01
N ASN A 195 4.30 7.71 -16.15
CA ASN A 195 5.19 7.51 -17.32
C ASN A 195 6.65 7.32 -16.92
N ASP A 196 7.21 6.15 -17.24
CA ASP A 196 8.64 5.89 -17.06
C ASP A 196 9.05 5.90 -15.58
N GLU A 197 8.15 5.37 -14.73
CA GLU A 197 8.36 5.25 -13.30
C GLU A 197 7.55 4.06 -12.80
N ILE A 198 8.23 2.94 -12.58
CA ILE A 198 7.61 1.70 -12.12
C ILE A 198 8.21 1.38 -10.76
N ILE A 199 7.38 1.22 -9.74
CA ILE A 199 7.83 0.85 -8.38
C ILE A 199 7.98 -0.68 -8.18
N ASP A 200 9.19 -1.11 -7.81
CA ASP A 200 9.51 -2.53 -7.62
C ASP A 200 9.84 -2.87 -6.16
N ALA A 201 8.89 -3.48 -5.46
CA ALA A 201 9.08 -3.91 -4.07
C ALA A 201 9.78 -5.28 -3.87
N THR A 202 10.42 -5.81 -4.92
CA THR A 202 10.91 -7.18 -4.90
C THR A 202 12.01 -7.32 -3.86
N GLN A 203 13.03 -6.47 -3.98
CA GLN A 203 14.13 -6.43 -3.00
C GLN A 203 13.78 -5.52 -1.81
N LYS A 204 13.60 -4.23 -2.04
CA LYS A 204 13.26 -3.29 -0.98
C LYS A 204 11.77 -2.93 -1.02
N GLY A 205 11.13 -2.76 0.14
CA GLY A 205 9.69 -2.46 0.18
C GLY A 205 9.06 -2.41 1.58
N ASN A 206 7.76 -2.62 1.66
CA ASN A 206 7.03 -2.63 2.94
C ASN A 206 5.86 -3.65 2.92
N CYS A 207 5.08 -3.74 3.98
CA CYS A 207 4.02 -4.76 4.05
C CYS A 207 2.88 -4.64 3.03
N SER A 208 2.75 -3.48 2.38
CA SER A 208 1.87 -3.35 1.20
C SER A 208 2.08 -4.42 0.12
N ARG A 209 3.32 -4.87 -0.06
CA ARG A 209 3.66 -5.92 -1.01
C ARG A 209 3.06 -7.31 -0.76
N PHE A 210 2.44 -7.56 0.40
CA PHE A 210 1.70 -8.81 0.64
C PHE A 210 0.22 -8.74 0.26
N MET A 211 -0.18 -7.62 -0.34
CA MET A 211 -1.55 -7.44 -0.77
C MET A 211 -1.77 -8.35 -1.95
N ASN A 212 -2.83 -9.16 -1.89
CA ASN A 212 -3.08 -10.14 -2.94
C ASN A 212 -4.17 -9.69 -3.91
N HIS A 213 -4.13 -10.22 -5.13
CA HIS A 213 -5.20 -10.01 -6.10
C HIS A 213 -6.54 -10.64 -5.71
N SER A 214 -7.63 -9.99 -6.11
CA SER A 214 -8.96 -10.59 -6.10
C SER A 214 -9.84 -10.00 -7.21
N CYS A 215 -10.35 -10.87 -8.06
CA CYS A 215 -11.21 -10.48 -9.17
C CYS A 215 -12.43 -9.64 -8.72
N GLU A 216 -12.86 -9.78 -7.47
CA GLU A 216 -13.79 -8.83 -6.83
C GLU A 216 -13.17 -8.28 -5.54
N PRO A 217 -12.44 -7.15 -5.64
CA PRO A 217 -11.57 -6.72 -4.56
C PRO A 217 -12.27 -5.84 -3.54
N ASN A 218 -11.55 -5.48 -2.48
CA ASN A 218 -12.04 -4.54 -1.48
C ASN A 218 -11.06 -3.38 -1.22
N CYS A 219 -10.07 -3.20 -2.09
CA CYS A 219 -9.24 -1.99 -2.09
C CYS A 219 -8.86 -1.60 -3.51
N GLU A 220 -8.34 -0.39 -3.65
CA GLU A 220 -7.91 0.15 -4.91
C GLU A 220 -6.66 0.95 -4.64
N THR A 221 -5.89 1.19 -5.69
CA THR A 221 -4.80 2.12 -5.60
C THR A 221 -5.32 3.53 -5.85
N GLN A 222 -4.62 4.49 -5.28
CA GLN A 222 -4.84 5.90 -5.46
C GLN A 222 -3.46 6.54 -5.48
N LYS A 223 -3.22 7.38 -6.49
CA LYS A 223 -1.96 8.06 -6.64
C LYS A 223 -2.09 9.47 -6.09
N TRP A 224 -1.23 9.80 -5.13
CA TRP A 224 -1.26 11.08 -4.41
C TRP A 224 0.05 11.82 -4.59
N THR A 225 -0.02 13.15 -4.55
CA THR A 225 1.19 13.98 -4.64
C THR A 225 1.53 14.41 -3.19
N VAL A 226 2.81 14.29 -2.81
CA VAL A 226 3.28 14.74 -1.49
C VAL A 226 4.57 15.48 -1.75
N ASN A 227 4.61 16.77 -1.44
CA ASN A 227 5.69 17.66 -1.90
C ASN A 227 6.04 17.46 -3.36
N GLY A 228 5.02 17.48 -4.22
CA GLY A 228 5.20 17.26 -5.68
C GLY A 228 5.95 16.00 -6.11
N GLN A 229 5.86 14.94 -5.29
CA GLN A 229 6.43 13.63 -5.59
C GLN A 229 5.20 12.73 -5.53
N LEU A 230 4.95 11.99 -6.62
CA LEU A 230 3.75 11.18 -6.68
C LEU A 230 4.01 9.96 -5.81
N ARG A 231 2.98 9.57 -5.05
CA ARG A 231 3.05 8.46 -4.11
C ARG A 231 1.79 7.65 -4.30
N VAL A 232 1.84 6.35 -4.01
CA VAL A 232 0.69 5.48 -4.25
C VAL A 232 0.37 4.64 -3.03
N GLY A 233 -0.88 4.73 -2.62
CA GLY A 233 -1.36 4.00 -1.46
C GLY A 233 -2.57 3.18 -1.81
N PHE A 234 -2.84 2.20 -0.96
CA PHE A 234 -4.02 1.39 -1.09
C PHE A 234 -5.10 2.02 -0.23
N PHE A 235 -6.31 2.05 -0.76
CA PHE A 235 -7.46 2.58 -0.05
C PHE A 235 -8.63 1.60 -0.17
N THR A 236 -9.40 1.42 0.91
CA THR A 236 -10.53 0.50 0.88
C THR A 236 -11.61 1.09 0.01
N THR A 237 -12.29 0.20 -0.71
CA THR A 237 -13.45 0.54 -1.50
C THR A 237 -14.76 0.14 -0.82
N LYS A 238 -14.69 -0.65 0.25
CA LYS A 238 -15.88 -1.08 1.00
C LYS A 238 -15.64 -1.19 2.52
N LEU A 239 -16.65 -1.65 3.27
CA LEU A 239 -16.54 -1.84 4.72
C LEU A 239 -16.01 -3.25 4.98
N VAL A 240 -14.69 -3.37 4.94
CA VAL A 240 -14.01 -4.64 5.23
C VAL A 240 -14.18 -5.00 6.74
N PRO A 241 -14.79 -6.17 7.04
CA PRO A 241 -14.81 -6.63 8.44
C PRO A 241 -13.45 -7.07 9.01
N SER A 242 -13.27 -6.88 10.31
CA SER A 242 -12.11 -7.40 11.04
C SER A 242 -11.84 -8.86 10.67
N GLY A 243 -10.56 -9.21 10.60
CA GLY A 243 -10.15 -10.54 10.17
C GLY A 243 -10.14 -10.80 8.66
N SER A 244 -10.84 -10.00 7.85
CA SER A 244 -10.96 -10.27 6.40
C SER A 244 -9.69 -9.89 5.65
N GLU A 245 -9.40 -10.65 4.59
CA GLU A 245 -8.24 -10.37 3.75
C GLU A 245 -8.47 -9.12 2.93
N LEU A 246 -7.39 -8.36 2.74
CA LEU A 246 -7.36 -7.17 1.92
C LEU A 246 -6.83 -7.53 0.53
N THR A 247 -7.53 -6.98 -0.46
CA THR A 247 -7.34 -7.35 -1.85
C THR A 247 -7.60 -6.17 -2.79
N PHE A 248 -6.85 -6.13 -3.91
CA PHE A 248 -7.04 -5.15 -4.99
C PHE A 248 -7.01 -5.78 -6.38
N ASP A 249 -7.29 -4.97 -7.41
CA ASP A 249 -7.30 -5.45 -8.79
C ASP A 249 -5.91 -5.30 -9.47
N TYR A 250 -4.99 -6.19 -9.13
CA TYR A 250 -3.62 -6.21 -9.66
C TYR A 250 -3.51 -6.33 -11.19
N GLN A 251 -3.19 -5.20 -11.82
CA GLN A 251 -3.14 -5.05 -13.29
C GLN A 251 -1.68 -5.12 -13.76
N PHE A 252 -1.35 -5.98 -14.73
CA PHE A 252 0.03 -6.03 -15.25
C PHE A 252 0.23 -6.70 -16.61
N GLN A 253 1.39 -6.42 -17.20
CA GLN A 253 1.88 -6.99 -18.46
C GLN A 253 2.21 -8.49 -18.34
N ARG A 254 2.31 -9.20 -19.47
CA ARG A 254 3.04 -10.50 -19.57
C ARG A 254 4.27 -10.57 -18.64
N GLU A 258 3.42 -16.75 -19.22
CA GLU A 258 3.13 -17.76 -18.21
C GLU A 258 1.98 -17.39 -17.28
N ALA A 259 1.00 -16.63 -17.78
CA ALA A 259 -0.09 -16.03 -16.95
C ALA A 259 -0.49 -16.91 -15.77
N GLN A 260 -0.39 -16.34 -14.57
CA GLN A 260 -0.59 -17.09 -13.30
C GLN A 260 -2.07 -17.42 -13.06
N LYS A 261 -2.33 -18.62 -12.53
CA LYS A 261 -3.68 -19.02 -12.16
C LYS A 261 -4.12 -18.20 -10.96
N CYS A 262 -5.40 -17.80 -10.96
CA CYS A 262 -5.97 -16.98 -9.90
C CYS A 262 -6.71 -17.86 -8.91
N PHE A 263 -6.33 -17.79 -7.64
CA PHE A 263 -7.06 -18.48 -6.56
C PHE A 263 -7.87 -17.53 -5.66
N CYS A 264 -8.44 -16.45 -6.22
CA CYS A 264 -9.21 -15.48 -5.42
C CYS A 264 -10.48 -16.08 -4.83
N GLY A 265 -10.94 -17.19 -5.39
CA GLY A 265 -12.12 -17.85 -4.88
C GLY A 265 -13.33 -17.24 -5.52
N SER A 266 -13.47 -15.91 -5.41
CA SER A 266 -14.62 -15.15 -5.90
C SER A 266 -15.39 -15.79 -7.06
N ALA A 267 -16.72 -15.74 -6.97
CA ALA A 267 -17.56 -15.99 -8.14
C ALA A 267 -17.33 -14.86 -9.13
N ASN A 268 -17.49 -15.16 -10.42
CA ASN A 268 -17.16 -14.25 -11.53
C ASN A 268 -15.69 -13.78 -11.46
N CYS A 269 -14.80 -14.77 -11.42
CA CYS A 269 -13.34 -14.58 -11.31
C CYS A 269 -12.71 -14.87 -12.66
N ARG A 270 -11.89 -13.95 -13.15
CA ARG A 270 -11.17 -14.11 -14.44
C ARG A 270 -10.51 -15.47 -14.62
N GLY A 271 -9.93 -16.03 -13.55
CA GLY A 271 -9.21 -17.32 -13.61
C GLY A 271 -7.69 -17.24 -13.76
N TYR A 272 -7.19 -16.11 -14.26
CA TYR A 272 -5.75 -15.85 -14.33
C TYR A 272 -5.51 -14.42 -13.87
N LEU A 273 -4.28 -14.11 -13.44
CA LEU A 273 -3.91 -12.73 -13.11
C LEU A 273 -3.44 -12.03 -14.38
N GLY A 274 -3.48 -10.69 -14.39
CA GLY A 274 -2.95 -9.88 -15.49
C GLY A 274 -3.90 -8.86 -16.11
N GLY A 275 -3.89 -8.78 -17.44
CA GLY A 275 -4.71 -7.81 -18.19
C GLY A 275 -4.41 -7.83 -19.67
ZN ZN B . -9.71 -14.56 -9.26
ZN ZN C . -7.79 22.04 3.36
ZN ZN D . -4.96 20.65 5.43
C2 76O E . -4.18 -14.96 -6.34
C6 76O E . -1.83 -14.82 -6.11
C8 76O E . -1.60 -12.80 -5.27
C10 76O E . -3.06 -14.21 -5.96
C11 76O E . 0.54 -14.09 -5.64
C13 76O E . 2.10 -12.40 -6.09
C14 76O E . 2.15 -10.89 -6.03
C15 76O E . 1.98 -10.29 -4.63
C16 76O E . 2.88 -10.90 -3.55
C24 76O E . 1.27 -8.03 -5.51
C25 76O E . 1.53 -6.55 -5.42
C26 76O E . 2.26 -5.90 -6.39
C27 76O E . 2.49 -4.54 -6.30
C28 76O E . 1.99 -3.83 -5.24
C31 76O E . 1.66 -12.99 -7.45
N1 76O E . -5.43 -14.49 -6.24
N3 76O E . -3.99 -16.21 -6.84
C4 76O E . -2.73 -16.67 -6.93
N5 76O E . -1.60 -16.05 -6.59
N7 76O E . -0.90 -13.91 -5.67
N9 76O E . -2.90 -12.94 -5.43
O12 76O E . 1.13 -12.89 -5.17
C17 76O E . 2.15 -11.41 -2.34
C18 76O E . 2.38 -12.89 -2.04
N19 76O E . 1.22 -13.46 -1.31
C20 76O E . 3.67 -13.12 -1.22
O21 76O E . 4.63 -12.36 -1.45
O22 76O E . 3.66 -14.05 -0.37
N23 76O E . 2.25 -8.81 -4.70
C29 76O E . 1.26 -4.46 -4.27
C30 76O E . 1.03 -5.83 -4.35
O32 76O E . 2.76 -13.05 -8.34
C33 76O E . 1.17 -14.38 -7.02
O34 76O E . 2.24 -15.30 -6.93
H49 76O E . -1.19 -12.02 -4.93
H35 76O E . 0.73 -14.84 -5.03
H36 76O E . 2.98 -12.75 -5.87
H51 76O E . 1.44 -10.53 -6.61
H50 76O E . 3.01 -10.60 -6.38
H37 76O E . 1.04 -10.42 -4.36
H52 76O E . 3.39 -11.63 -3.95
H53 76O E . 3.51 -10.23 -3.28
H56 76O E . 0.36 -8.23 -5.21
H57 76O E . 1.35 -8.31 -6.45
H58 76O E . 2.61 -6.38 -7.12
H59 76O E . 3.00 -4.10 -6.96
H60 76O E . 2.14 -2.91 -5.17
H44 76O E . 0.93 -12.46 -7.84
H47 76O E . -6.11 -15.00 -6.50
H46 76O E . -5.57 -13.68 -5.93
H48 76O E . -2.63 -17.54 -7.27
H54 76O E . 2.44 -10.88 -1.56
H55 76O E . 1.19 -11.26 -2.45
H38 76O E . 2.47 -13.38 -2.89
H39 76O E . 1.48 -14.01 -0.72
H41 76O E . 0.74 -12.79 -0.89
H40 76O E . 0.66 -13.88 -1.89
H43 76O E . 2.24 -8.48 -3.84
H42 76O E . 3.09 -8.68 -5.03
H61 76O E . 0.91 -3.98 -3.53
H62 76O E . 0.52 -6.25 -3.68
H63 76O E . 3.46 -12.72 -7.94
H45 76O E . 0.50 -14.72 -7.66
H64 76O E . 2.97 -14.90 -7.12
#